data_4IDS
#
_entry.id   4IDS
#
_cell.length_a   164.730
_cell.length_b   164.730
_cell.length_c   195.169
_cell.angle_alpha   90.00
_cell.angle_beta   90.00
_cell.angle_gamma   120.00
#
_symmetry.space_group_name_H-M   'P 6 2 2'
#
loop_
_entity.id
_entity.type
_entity.pdbx_description
1 polymer 'Delta-1-pyrroline-5-carboxylate dehydrogenase'
2 water water
#
_entity_poly.entity_id   1
_entity_poly.type   'polypeptide(L)'
_entity_poly.pdbx_seq_one_letter_code
;MGSSHHHHHHSSGLVPRGSHMDAITQVPVPANEPVHDYAPKSPERTRLRTELASLADHPIDLPHVIGGRHRMGDGERIDV
VQPHRHAARLGTLTNATHADAAAAVEAAMSAKSDWAALPFDERAAVFLRAADLLAGPWREKIAAATMLGQSKSVYQAEID
AVCELIDFWRFNVAFARQILEQQPISGPGEWNRIDYRPLDGFVYAITPFNFTSIAGNLPTAPALMGNTVIWKPSITQTLA
AYLTMQLLEAAGLPPGVINLVTGDGFAVSDVALADPRLAGIHFTGSTATFGHLWQWVGTNIGRYHSYPRLVGETGGKDFV
VAHASARPDVLRTALIRGAFDYQGQK(CME)SAVSRAFIAHSVWQRMGDELLAKAAELRYGDITDLSNYGGALIDQRAFV
KNVDAIERAKGAAAVTVAVGGEYDDSEGYFVRPTVLLSDDPTDESFVIEYFGPLLSVHVYPDERYEQILDVIDTGSRYAL
TGAVIADDRQAVLTALDRLRFAAGNFYVNDKPTGAVVGRQPFGGARGSDTNDKAGSPLNLLRWTSARSIKETFVAATDHI
YPHMAVD
;
_entity_poly.pdbx_strand_id   A
#
# COMPACT_ATOMS: atom_id res chain seq x y z
N HIS A 20 2.40 -35.18 17.12
CA HIS A 20 2.69 -34.68 15.77
C HIS A 20 1.41 -34.74 14.83
N MET A 21 1.62 -35.02 13.54
CA MET A 21 0.63 -34.81 12.47
C MET A 21 1.15 -35.59 11.28
N ASP A 22 0.34 -36.50 10.74
CA ASP A 22 0.72 -37.20 9.55
C ASP A 22 -0.31 -36.80 8.50
N ALA A 23 0.08 -35.82 7.67
CA ALA A 23 -0.81 -35.22 6.71
C ALA A 23 -0.10 -34.37 5.71
N ILE A 24 -0.75 -34.12 4.57
CA ILE A 24 -0.35 -33.09 3.60
C ILE A 24 -1.60 -32.23 3.56
N THR A 25 -1.64 -31.17 4.31
CA THR A 25 -2.84 -30.36 4.46
C THR A 25 -2.92 -29.31 3.35
N GLN A 26 -4.13 -28.80 3.20
CA GLN A 26 -4.48 -27.79 2.22
C GLN A 26 -5.00 -26.62 3.05
N VAL A 27 -4.80 -25.39 2.58
CA VAL A 27 -5.35 -24.24 3.29
C VAL A 27 -6.71 -23.93 2.71
N PRO A 28 -7.58 -23.23 3.46
CA PRO A 28 -8.79 -22.71 2.82
C PRO A 28 -8.57 -21.92 1.58
N VAL A 29 -9.48 -22.08 0.61
CA VAL A 29 -9.37 -21.40 -0.65
C VAL A 29 -9.79 -19.93 -0.51
N PRO A 30 -8.95 -18.98 -0.89
CA PRO A 30 -9.35 -17.60 -0.74
C PRO A 30 -10.23 -17.09 -1.91
N ALA A 31 -11.19 -16.21 -1.60
CA ALA A 31 -11.91 -15.38 -2.53
C ALA A 31 -11.91 -13.94 -1.96
N ASN A 32 -11.98 -12.99 -2.84
CA ASN A 32 -11.96 -11.58 -2.44
C ASN A 32 -13.16 -11.28 -1.52
N GLU A 33 -12.91 -10.51 -0.49
CA GLU A 33 -13.95 -10.22 0.50
C GLU A 33 -14.95 -9.23 -0.13
N PRO A 34 -16.24 -9.50 0.00
CA PRO A 34 -17.22 -8.54 -0.56
C PRO A 34 -17.10 -7.16 0.08
N VAL A 35 -17.23 -6.12 -0.72
CA VAL A 35 -17.28 -4.73 -0.23
C VAL A 35 -18.69 -4.32 0.26
N HIS A 36 -18.88 -3.96 1.51
CA HIS A 36 -20.23 -3.49 1.94
C HIS A 36 -20.47 -2.05 1.49
N ASP A 37 -21.72 -1.70 1.21
CA ASP A 37 -22.07 -0.37 0.66
C ASP A 37 -22.36 0.73 1.70
N TYR A 38 -22.76 0.33 2.88
CA TYR A 38 -23.13 1.24 3.97
C TYR A 38 -24.24 2.19 3.50
N ALA A 39 -25.20 1.67 2.76
CA ALA A 39 -26.28 2.49 2.21
C ALA A 39 -27.20 2.84 3.39
N PRO A 40 -27.99 3.92 3.25
CA PRO A 40 -28.93 4.23 4.35
C PRO A 40 -29.77 3.02 4.75
N LYS A 41 -30.12 2.90 6.03
CA LYS A 41 -30.94 1.77 6.55
C LYS A 41 -30.20 0.43 6.59
N SER A 42 -28.95 0.35 6.12
CA SER A 42 -28.24 -0.93 6.15
C SER A 42 -27.73 -1.14 7.57
N PRO A 43 -27.68 -2.41 8.01
CA PRO A 43 -27.17 -2.65 9.35
C PRO A 43 -25.68 -2.28 9.57
N GLU A 44 -24.81 -2.41 8.56
CA GLU A 44 -23.41 -2.06 8.75
C GLU A 44 -23.28 -0.57 8.98
N ARG A 45 -24.16 0.22 8.39
CA ARG A 45 -24.11 1.67 8.62
C ARG A 45 -24.38 2.02 10.06
N THR A 46 -25.39 1.37 10.60
CA THR A 46 -25.66 1.52 12.05
C THR A 46 -24.46 1.12 12.90
N ARG A 47 -23.88 -0.03 12.61
CA ARG A 47 -22.72 -0.45 13.40
C ARG A 47 -21.57 0.49 13.24
N LEU A 48 -21.38 1.01 12.03
CA LEU A 48 -20.26 1.93 11.83
C LEU A 48 -20.43 3.23 12.71
N ARG A 49 -21.64 3.74 12.73
CA ARG A 49 -21.90 4.98 13.59
C ARG A 49 -21.52 4.78 15.02
N THR A 50 -21.88 3.63 15.54
CA THR A 50 -21.52 3.33 16.89
C THR A 50 -20.01 3.35 17.05
N GLU A 51 -19.25 2.76 16.09
CA GLU A 51 -17.78 2.69 16.30
C GLU A 51 -17.20 4.05 16.11
N LEU A 52 -17.73 4.82 15.17
CA LEU A 52 -17.20 6.19 14.99
C LEU A 52 -17.35 7.02 16.28
N ALA A 53 -18.53 6.97 16.90
CA ALA A 53 -18.79 7.74 18.18
C ALA A 53 -17.82 7.27 19.23
N SER A 54 -17.68 5.95 19.29
CA SER A 54 -16.90 5.35 20.34
C SER A 54 -15.44 5.72 20.25
N LEU A 55 -14.83 5.68 19.05
CA LEU A 55 -13.44 6.12 18.93
C LEU A 55 -13.25 7.64 19.04
N ALA A 56 -14.19 8.40 18.50
CA ALA A 56 -14.03 9.86 18.48
C ALA A 56 -14.19 10.46 19.90
N ASP A 57 -15.10 9.89 20.67
CA ASP A 57 -15.48 10.37 22.00
C ASP A 57 -14.59 9.81 23.12
N HIS A 58 -13.71 8.84 22.85
CA HIS A 58 -12.87 8.25 23.88
C HIS A 58 -11.44 8.07 23.39
N PRO A 59 -10.71 9.16 23.27
CA PRO A 59 -9.36 9.05 22.77
C PRO A 59 -8.49 8.24 23.73
N ILE A 60 -7.40 7.67 23.23
CA ILE A 60 -6.62 6.70 24.00
C ILE A 60 -5.14 6.95 23.82
N ASP A 61 -4.38 6.43 24.74
CA ASP A 61 -2.96 6.31 24.61
C ASP A 61 -2.70 5.29 23.53
N LEU A 62 -1.67 5.55 22.76
CA LEU A 62 -1.30 4.73 21.61
C LEU A 62 0.09 4.30 21.90
N PRO A 63 0.22 3.17 22.56
CA PRO A 63 1.49 2.77 23.08
C PRO A 63 2.33 1.93 22.11
N HIS A 64 3.60 1.78 22.44
CA HIS A 64 4.44 0.78 21.76
C HIS A 64 3.94 -0.58 22.20
N VAL A 65 4.16 -1.62 21.40
CA VAL A 65 3.82 -2.98 21.78
C VAL A 65 5.05 -3.78 21.52
N ILE A 66 5.70 -4.15 22.61
CA ILE A 66 7.03 -4.75 22.57
C ILE A 66 7.04 -5.99 23.42
N GLY A 67 7.31 -7.13 22.78
CA GLY A 67 7.30 -8.40 23.53
C GLY A 67 5.92 -8.66 24.09
N GLY A 68 4.89 -8.19 23.41
CA GLY A 68 3.54 -8.26 23.99
C GLY A 68 3.14 -7.27 25.06
N ARG A 69 4.08 -6.47 25.53
CA ARG A 69 3.73 -5.49 26.56
C ARG A 69 3.38 -4.15 25.93
N HIS A 70 2.21 -3.63 26.24
CA HIS A 70 1.77 -2.33 25.74
C HIS A 70 2.27 -1.26 26.70
N ARG A 71 3.11 -0.37 26.22
CA ARG A 71 3.67 0.64 27.09
C ARG A 71 4.02 1.93 26.35
N MET A 72 3.65 3.05 26.98
CA MET A 72 4.08 4.37 26.59
C MET A 72 5.52 4.52 26.94
N GLY A 73 6.29 5.17 26.09
CA GLY A 73 7.73 5.26 26.33
C GLY A 73 8.00 6.67 26.86
N ASP A 74 9.27 7.01 26.97
CA ASP A 74 9.74 8.29 27.48
C ASP A 74 9.99 9.37 26.44
N GLY A 75 9.65 9.09 25.20
CA GLY A 75 9.83 10.06 24.14
C GLY A 75 8.73 11.08 24.15
N GLU A 76 8.85 12.07 23.27
CA GLU A 76 7.90 13.15 23.11
C GLU A 76 6.48 12.68 22.82
N ARG A 77 5.50 13.29 23.48
CA ARG A 77 4.11 12.96 23.29
C ARG A 77 3.66 13.62 22.02
N ILE A 78 2.94 12.89 21.16
CA ILE A 78 2.50 13.39 19.85
C ILE A 78 1.06 12.99 19.72
N ASP A 79 0.22 13.98 19.49
CA ASP A 79 -1.19 13.71 19.31
C ASP A 79 -1.53 13.22 17.88
N VAL A 80 -2.52 12.34 17.80
CA VAL A 80 -3.06 11.86 16.56
C VAL A 80 -4.45 12.47 16.54
N VAL A 81 -4.77 13.19 15.46
CA VAL A 81 -6.03 13.89 15.33
C VAL A 81 -6.77 13.51 14.07
N GLN A 82 -8.01 13.96 13.99
CA GLN A 82 -8.80 13.85 12.83
C GLN A 82 -8.41 14.94 11.81
N PRO A 83 -7.85 14.52 10.62
CA PRO A 83 -7.41 15.52 9.64
C PRO A 83 -8.46 16.51 9.24
N HIS A 84 -9.69 16.08 9.21
CA HIS A 84 -10.78 16.90 8.77
C HIS A 84 -11.40 17.71 9.96
N ARG A 85 -10.79 17.61 11.14
CA ARG A 85 -11.26 18.29 12.37
C ARG A 85 -10.14 18.19 13.31
N HIS A 86 -9.06 18.92 12.99
CA HIS A 86 -7.80 18.68 13.65
C HIS A 86 -7.70 19.15 15.10
N ALA A 87 -8.76 19.76 15.65
CA ALA A 87 -8.86 20.07 17.09
C ALA A 87 -9.21 18.82 17.87
N ALA A 88 -9.78 17.81 17.20
CA ALA A 88 -10.30 16.61 17.83
C ALA A 88 -9.24 15.52 17.84
N ARG A 89 -8.77 15.24 19.05
CA ARG A 89 -7.73 14.27 19.29
C ARG A 89 -8.30 12.84 19.27
N LEU A 90 -7.53 11.90 18.73
CA LEU A 90 -7.94 10.50 18.72
C LEU A 90 -7.16 9.70 19.68
N GLY A 91 -5.92 10.14 19.90
CA GLY A 91 -5.03 9.47 20.77
C GLY A 91 -3.73 10.19 20.88
N THR A 92 -2.87 9.68 21.73
CA THR A 92 -1.57 10.23 21.88
C THR A 92 -0.57 9.11 21.92
N LEU A 93 0.50 9.25 21.17
CA LEU A 93 1.59 8.30 21.18
C LEU A 93 2.87 8.93 21.69
N THR A 94 3.91 8.13 21.86
CA THR A 94 5.18 8.57 22.25
C THR A 94 6.19 8.26 21.20
N ASN A 95 7.07 9.22 20.92
CA ASN A 95 8.04 9.06 19.86
C ASN A 95 9.05 8.05 20.36
N ALA A 96 9.22 6.96 19.64
CA ALA A 96 10.16 5.93 20.08
C ALA A 96 11.53 6.48 20.32
N THR A 97 12.16 6.07 21.41
CA THR A 97 13.54 6.42 21.67
C THR A 97 14.43 5.30 21.18
N HIS A 98 15.73 5.49 21.20
CA HIS A 98 16.69 4.44 20.88
C HIS A 98 16.49 3.24 21.80
N ALA A 99 16.13 3.45 23.06
CA ALA A 99 15.96 2.34 24.01
C ALA A 99 14.71 1.52 23.68
N ASP A 100 13.58 2.19 23.45
CA ASP A 100 12.36 1.55 22.86
C ASP A 100 12.73 0.70 21.62
N ALA A 101 13.43 1.27 20.68
CA ALA A 101 13.78 0.51 19.46
C ALA A 101 14.64 -0.70 19.76
N ALA A 102 15.62 -0.56 20.64
CA ALA A 102 16.54 -1.69 20.98
C ALA A 102 15.73 -2.76 21.67
N ALA A 103 14.73 -2.37 22.46
CA ALA A 103 13.87 -3.35 23.14
C ALA A 103 12.99 -4.15 22.14
N ALA A 104 12.45 -3.42 21.16
CA ALA A 104 11.68 -4.01 20.09
C ALA A 104 12.52 -5.04 19.31
N VAL A 105 13.74 -4.69 18.97
CA VAL A 105 14.63 -5.64 18.31
C VAL A 105 14.87 -6.87 19.15
N GLU A 106 15.26 -6.68 20.46
CA GLU A 106 15.47 -7.85 21.34
C GLU A 106 14.27 -8.76 21.47
N ALA A 107 13.10 -8.17 21.63
CA ALA A 107 11.86 -8.91 21.72
C ALA A 107 11.65 -9.75 20.44
N ALA A 108 11.86 -9.12 19.29
CA ALA A 108 11.72 -9.83 17.99
C ALA A 108 12.68 -10.99 17.99
N MET A 109 13.91 -10.78 18.44
CA MET A 109 14.88 -11.87 18.35
C MET A 109 14.55 -13.00 19.35
N SER A 110 14.02 -12.61 20.50
CA SER A 110 13.66 -13.55 21.54
C SER A 110 12.43 -14.40 21.15
N ALA A 111 11.50 -13.82 20.40
CA ALA A 111 10.32 -14.58 19.93
C ALA A 111 10.62 -15.53 18.77
N LYS A 112 11.76 -15.35 18.15
CA LYS A 112 12.02 -15.98 16.86
C LYS A 112 11.93 -17.49 16.91
N SER A 113 12.68 -18.08 17.82
CA SER A 113 12.81 -19.53 17.88
C SER A 113 11.49 -20.30 18.08
N ASP A 114 10.60 -19.83 18.98
CA ASP A 114 9.30 -20.45 19.15
C ASP A 114 8.38 -20.19 17.97
N TRP A 115 8.52 -19.05 17.31
CA TRP A 115 7.65 -18.73 16.19
C TRP A 115 8.01 -19.56 14.94
N ALA A 116 9.28 -19.55 14.57
CA ALA A 116 9.78 -20.36 13.47
C ALA A 116 9.58 -21.80 13.70
N ALA A 117 9.57 -22.25 14.95
CA ALA A 117 9.32 -23.66 15.18
C ALA A 117 7.86 -24.13 15.09
N LEU A 118 6.91 -23.22 15.16
CA LEU A 118 5.51 -23.53 14.89
C LEU A 118 5.35 -24.01 13.47
N PRO A 119 4.61 -25.12 13.28
CA PRO A 119 4.39 -25.57 11.89
C PRO A 119 3.73 -24.43 11.08
N PHE A 120 3.96 -24.41 9.78
CA PHE A 120 3.28 -23.46 8.87
C PHE A 120 1.79 -23.28 9.16
N ASP A 121 1.07 -24.39 9.32
CA ASP A 121 -0.37 -24.36 9.48
C ASP A 121 -0.80 -23.55 10.70
N GLU A 122 -0.03 -23.64 11.78
CA GLU A 122 -0.31 -22.87 13.02
C GLU A 122 -0.02 -21.39 12.86
N ARG A 123 1.08 -21.07 12.19
CA ARG A 123 1.34 -19.68 11.74
C ARG A 123 0.26 -19.17 10.79
N ALA A 124 -0.14 -19.99 9.82
CA ALA A 124 -1.21 -19.58 8.93
C ALA A 124 -2.52 -19.29 9.65
N ALA A 125 -2.85 -20.10 10.68
CA ALA A 125 -4.14 -20.01 11.35
C ALA A 125 -4.27 -18.66 12.03
N VAL A 126 -3.18 -18.11 12.52
CA VAL A 126 -3.25 -16.83 13.15
C VAL A 126 -3.80 -15.81 12.17
N PHE A 127 -3.27 -15.84 10.94
CA PHE A 127 -3.68 -14.84 9.92
C PHE A 127 -5.03 -15.12 9.31
N LEU A 128 -5.42 -16.40 9.24
CA LEU A 128 -6.74 -16.70 8.75
C LEU A 128 -7.74 -16.24 9.82
N ARG A 129 -7.40 -16.43 11.07
CA ARG A 129 -8.32 -16.09 12.15
C ARG A 129 -8.45 -14.57 12.22
N ALA A 130 -7.33 -13.86 12.09
CA ALA A 130 -7.38 -12.38 11.95
C ALA A 130 -8.27 -11.94 10.82
N ALA A 131 -8.18 -12.62 9.68
CA ALA A 131 -9.02 -12.27 8.53
C ALA A 131 -10.48 -12.37 8.88
N ASP A 132 -10.86 -13.48 9.54
CA ASP A 132 -12.24 -13.68 9.88
C ASP A 132 -12.72 -12.71 10.98
N LEU A 133 -11.86 -12.40 11.93
CA LEU A 133 -12.16 -11.38 12.95
C LEU A 133 -12.40 -9.99 12.32
N LEU A 134 -11.52 -9.58 11.42
CA LEU A 134 -11.69 -8.36 10.62
C LEU A 134 -12.90 -8.40 9.75
N ALA A 135 -13.32 -9.57 9.25
CA ALA A 135 -14.49 -9.61 8.39
C ALA A 135 -15.79 -9.50 9.14
N GLY A 136 -15.76 -9.93 10.42
CA GLY A 136 -16.93 -10.00 11.26
C GLY A 136 -16.84 -8.95 12.35
N PRO A 137 -16.42 -9.33 13.56
CA PRO A 137 -16.63 -8.47 14.73
C PRO A 137 -15.79 -7.24 14.83
N TRP A 138 -14.63 -7.21 14.17
CA TRP A 138 -13.80 -6.00 14.18
C TRP A 138 -13.98 -5.11 12.99
N ARG A 139 -14.85 -5.52 12.05
CA ARG A 139 -14.95 -4.87 10.76
C ARG A 139 -15.17 -3.35 10.81
N GLU A 140 -16.27 -2.92 11.45
CA GLU A 140 -16.57 -1.49 11.54
C GLU A 140 -15.63 -0.75 12.42
N LYS A 141 -15.13 -1.38 13.46
CA LYS A 141 -14.14 -0.71 14.29
C LYS A 141 -12.86 -0.27 13.54
N ILE A 142 -12.29 -1.21 12.80
CA ILE A 142 -11.07 -0.95 12.04
C ILE A 142 -11.39 0.00 10.87
N ALA A 143 -12.53 -0.17 10.23
CA ALA A 143 -12.91 0.79 9.26
C ALA A 143 -13.03 2.24 9.82
N ALA A 144 -13.73 2.35 10.94
CA ALA A 144 -14.00 3.66 11.60
C ALA A 144 -12.70 4.29 11.99
N ALA A 145 -11.77 3.47 12.53
CA ALA A 145 -10.51 4.03 12.93
C ALA A 145 -9.75 4.62 11.73
N THR A 146 -9.91 3.95 10.57
CA THR A 146 -9.23 4.38 9.35
C THR A 146 -9.89 5.67 8.82
N MET A 147 -11.21 5.69 8.86
CA MET A 147 -11.96 6.92 8.51
C MET A 147 -11.48 8.09 9.32
N LEU A 148 -11.42 7.90 10.63
CA LEU A 148 -11.11 8.99 11.54
C LEU A 148 -9.72 9.56 11.48
N GLY A 149 -8.72 8.67 11.51
CA GLY A 149 -7.38 9.09 11.55
C GLY A 149 -6.77 9.46 10.21
N GLN A 150 -7.23 8.82 9.16
CA GLN A 150 -6.66 9.03 7.81
C GLN A 150 -7.58 9.79 6.89
N SER A 151 -8.77 10.14 7.42
CA SER A 151 -9.74 10.98 6.74
C SER A 151 -10.22 10.31 5.47
N LYS A 152 -10.69 9.07 5.60
CA LYS A 152 -11.28 8.37 4.49
C LYS A 152 -12.73 8.36 4.62
N SER A 153 -13.40 8.45 3.48
CA SER A 153 -14.81 8.15 3.46
C SER A 153 -15.03 6.70 3.84
N VAL A 154 -16.26 6.35 4.15
CA VAL A 154 -16.52 4.93 4.50
C VAL A 154 -16.18 3.94 3.38
N TYR A 155 -16.45 4.30 2.12
CA TYR A 155 -16.08 3.46 0.99
C TYR A 155 -14.57 3.32 0.88
N GLN A 156 -13.82 4.42 0.96
CA GLN A 156 -12.39 4.31 0.92
C GLN A 156 -11.83 3.46 2.09
N ALA A 157 -12.44 3.60 3.26
CA ALA A 157 -12.04 2.76 4.42
C ALA A 157 -12.34 1.28 4.18
N GLU A 158 -13.51 1.01 3.65
CA GLU A 158 -13.97 -0.33 3.46
C GLU A 158 -13.09 -1.10 2.45
N ILE A 159 -12.74 -0.50 1.31
CA ILE A 159 -11.94 -1.23 0.30
C ILE A 159 -10.51 -1.42 0.76
N ASP A 160 -10.06 -0.56 1.69
CA ASP A 160 -8.73 -0.60 2.21
C ASP A 160 -8.61 -1.43 3.49
N ALA A 161 -9.08 -0.85 4.57
CA ALA A 161 -8.80 -1.32 5.91
C ALA A 161 -9.50 -2.62 6.15
N VAL A 162 -10.59 -2.85 5.46
CA VAL A 162 -11.35 -4.12 5.56
C VAL A 162 -10.99 -5.09 4.44
N CYS A 163 -11.44 -4.83 3.22
CA CYS A 163 -11.32 -5.81 2.14
C CYS A 163 -9.89 -6.07 1.72
N GLU A 164 -9.09 -5.04 1.53
CA GLU A 164 -7.74 -5.30 1.06
C GLU A 164 -6.89 -6.01 2.12
N LEU A 165 -7.11 -5.70 3.38
CA LEU A 165 -6.28 -6.33 4.44
C LEU A 165 -6.72 -7.77 4.64
N ILE A 166 -8.03 -7.97 4.63
CA ILE A 166 -8.59 -9.35 4.72
C ILE A 166 -7.94 -10.18 3.53
N ASP A 167 -8.03 -9.62 2.34
CA ASP A 167 -7.54 -10.27 1.15
C ASP A 167 -6.03 -10.56 1.24
N PHE A 168 -5.20 -9.60 1.64
CA PHE A 168 -3.81 -9.85 1.85
C PHE A 168 -3.59 -11.07 2.77
N TRP A 169 -4.35 -11.18 3.84
CA TRP A 169 -4.12 -12.28 4.76
C TRP A 169 -4.52 -13.63 4.18
N ARG A 170 -5.69 -13.70 3.58
CA ARG A 170 -6.18 -14.96 3.04
C ARG A 170 -5.39 -15.39 1.80
N PHE A 171 -5.12 -14.45 0.91
CA PHE A 171 -4.35 -14.75 -0.25
C PHE A 171 -2.94 -15.02 0.12
N ASN A 172 -2.34 -14.28 1.06
CA ASN A 172 -0.94 -14.60 1.44
C ASN A 172 -0.81 -16.03 1.98
N VAL A 173 -1.77 -16.45 2.78
CA VAL A 173 -1.77 -17.83 3.25
C VAL A 173 -1.82 -18.83 2.10
N ALA A 174 -2.66 -18.55 1.10
CA ALA A 174 -2.74 -19.44 -0.05
C ALA A 174 -1.46 -19.36 -0.92
N PHE A 175 -0.87 -18.15 -1.04
CA PHE A 175 0.33 -18.04 -1.79
C PHE A 175 1.48 -18.81 -1.14
N ALA A 176 1.65 -18.65 0.18
CA ALA A 176 2.65 -19.35 0.92
C ALA A 176 2.49 -20.85 0.78
N ARG A 177 1.27 -21.34 0.92
CA ARG A 177 1.03 -22.75 0.72
C ARG A 177 1.40 -23.24 -0.69
N GLN A 178 1.17 -22.42 -1.70
CA GLN A 178 1.53 -22.77 -3.07
C GLN A 178 3.05 -22.82 -3.17
N ILE A 179 3.77 -21.86 -2.56
CA ILE A 179 5.21 -21.88 -2.55
C ILE A 179 5.74 -23.19 -1.96
N LEU A 180 5.21 -23.54 -0.79
CA LEU A 180 5.72 -24.75 -0.11
C LEU A 180 5.67 -26.03 -0.95
N GLU A 181 4.70 -26.15 -1.86
CA GLU A 181 4.60 -27.35 -2.70
C GLU A 181 5.35 -27.27 -4.04
N GLN A 182 6.06 -26.21 -4.30
CA GLN A 182 7.00 -26.12 -5.43
C GLN A 182 8.28 -26.93 -5.07
N GLN A 183 8.41 -28.07 -5.69
CA GLN A 183 9.38 -29.06 -5.25
C GLN A 183 10.08 -29.54 -6.49
N PRO A 184 11.28 -30.09 -6.36
CA PRO A 184 11.99 -30.52 -7.55
C PRO A 184 11.68 -31.92 -8.01
N ILE A 185 12.34 -32.30 -9.10
CA ILE A 185 12.38 -33.65 -9.70
C ILE A 185 13.40 -34.49 -8.93
N SER A 186 13.05 -35.72 -8.64
CA SER A 186 13.99 -36.68 -8.08
C SER A 186 14.35 -37.63 -9.23
N GLY A 187 15.61 -37.72 -9.51
CA GLY A 187 16.12 -38.75 -10.45
C GLY A 187 16.19 -40.14 -9.85
N PRO A 188 16.57 -41.14 -10.67
CA PRO A 188 16.69 -42.50 -10.13
C PRO A 188 17.70 -42.52 -8.97
N GLY A 189 17.37 -43.21 -7.92
CA GLY A 189 18.39 -43.39 -6.87
C GLY A 189 18.51 -42.30 -5.84
N GLU A 190 17.58 -41.34 -5.87
CA GLU A 190 17.66 -40.21 -4.99
C GLU A 190 16.31 -39.61 -4.67
N TRP A 191 16.30 -38.70 -3.71
CA TRP A 191 15.07 -37.95 -3.39
C TRP A 191 15.49 -36.51 -3.10
N ASN A 192 15.06 -35.56 -3.95
CA ASN A 192 15.36 -34.14 -3.78
C ASN A 192 14.15 -33.40 -3.21
N ARG A 193 14.38 -32.51 -2.27
CA ARG A 193 13.29 -31.74 -1.62
C ARG A 193 13.80 -30.35 -1.39
N ILE A 194 12.86 -29.40 -1.24
CA ILE A 194 13.19 -28.01 -1.02
C ILE A 194 12.51 -27.59 0.27
N ASP A 195 13.30 -27.02 1.17
CA ASP A 195 12.86 -26.46 2.47
C ASP A 195 12.90 -24.91 2.37
N TYR A 196 11.77 -24.27 2.56
CA TYR A 196 11.67 -22.80 2.54
C TYR A 196 11.87 -22.21 3.91
N ARG A 197 13.13 -21.95 4.25
CA ARG A 197 13.51 -21.52 5.57
C ARG A 197 13.14 -20.06 5.78
N PRO A 198 12.83 -19.70 6.99
CA PRO A 198 12.68 -18.25 7.24
C PRO A 198 14.06 -17.54 7.16
N LEU A 199 14.10 -16.22 7.28
CA LEU A 199 15.37 -15.56 7.25
C LEU A 199 15.98 -15.70 8.65
N ASP A 200 17.24 -15.33 8.77
CA ASP A 200 17.95 -15.20 10.04
C ASP A 200 17.84 -13.73 10.44
N GLY A 201 17.57 -13.41 11.66
CA GLY A 201 17.45 -11.98 11.94
C GLY A 201 16.07 -11.40 11.69
N PHE A 202 15.87 -10.16 12.11
CA PHE A 202 14.53 -9.58 12.14
C PHE A 202 14.27 -8.77 10.89
N VAL A 203 12.99 -8.52 10.67
CA VAL A 203 12.56 -7.73 9.54
C VAL A 203 12.04 -6.43 10.07
N TYR A 204 12.40 -5.32 9.41
CA TYR A 204 11.94 -3.98 9.76
C TYR A 204 10.94 -3.55 8.75
N ALA A 205 9.69 -3.36 9.19
CA ALA A 205 8.62 -2.91 8.34
C ALA A 205 8.25 -1.44 8.64
N ILE A 206 8.20 -0.60 7.61
CA ILE A 206 7.92 0.84 7.74
C ILE A 206 6.80 1.12 6.81
N THR A 207 5.70 1.61 7.33
CA THR A 207 4.48 1.69 6.62
C THR A 207 3.91 3.13 6.53
N PRO A 208 3.18 3.40 5.46
CA PRO A 208 2.81 4.78 5.12
C PRO A 208 1.45 5.11 5.68
N PHE A 209 1.05 6.36 5.59
CA PHE A 209 -0.28 6.76 6.06
C PHE A 209 -1.46 6.31 5.25
N ASN A 210 -1.24 6.04 3.95
CA ASN A 210 -2.28 6.09 2.96
C ASN A 210 -3.20 4.89 3.06
N PHE A 211 -2.70 3.74 3.56
CA PHE A 211 -3.49 2.49 3.54
C PHE A 211 -3.25 1.70 4.84
N THR A 212 -4.32 1.44 5.55
CA THR A 212 -4.33 0.50 6.67
C THR A 212 -3.97 -0.94 6.19
N SER A 213 -4.41 -1.36 5.00
CA SER A 213 -4.08 -2.68 4.43
C SER A 213 -2.59 -2.85 4.23
N ILE A 214 -1.94 -1.88 3.60
CA ILE A 214 -0.47 -1.96 3.40
C ILE A 214 0.17 -1.95 4.77
N ALA A 215 -0.36 -1.15 5.68
CA ALA A 215 0.26 -1.06 7.00
C ALA A 215 0.17 -2.37 7.78
N GLY A 216 -0.96 -3.05 7.69
CA GLY A 216 -0.99 -4.36 8.33
C GLY A 216 -0.24 -5.46 7.56
N ASN A 217 -0.13 -5.31 6.25
CA ASN A 217 0.50 -6.36 5.43
C ASN A 217 1.99 -6.38 5.53
N LEU A 218 2.63 -5.21 5.53
CA LEU A 218 4.07 -5.22 5.49
C LEU A 218 4.76 -5.96 6.66
N PRO A 219 4.23 -5.83 7.87
CA PRO A 219 4.78 -6.63 8.97
C PRO A 219 4.29 -8.03 9.02
N THR A 220 3.10 -8.31 8.53
CA THR A 220 2.55 -9.64 8.72
C THR A 220 2.98 -10.64 7.63
N ALA A 221 3.19 -10.17 6.41
CA ALA A 221 3.67 -11.06 5.37
C ALA A 221 5.00 -11.78 5.73
N PRO A 222 6.06 -11.08 6.17
CA PRO A 222 7.25 -11.82 6.60
C PRO A 222 7.04 -12.69 7.80
N ALA A 223 6.10 -12.31 8.67
CA ALA A 223 5.77 -13.05 9.92
C ALA A 223 5.14 -14.41 9.58
N LEU A 224 4.32 -14.44 8.54
CA LEU A 224 3.72 -15.64 8.08
C LEU A 224 4.75 -16.72 7.74
N MET A 225 5.87 -16.30 7.16
CA MET A 225 6.89 -17.23 6.67
C MET A 225 7.87 -17.60 7.74
N GLY A 226 7.60 -17.18 8.98
CA GLY A 226 8.39 -17.63 10.10
C GLY A 226 9.36 -16.58 10.66
N ASN A 227 9.27 -15.36 10.19
CA ASN A 227 10.15 -14.30 10.66
C ASN A 227 9.52 -13.50 11.76
N THR A 228 10.33 -12.72 12.47
CA THR A 228 9.82 -11.77 13.48
C THR A 228 10.24 -10.37 13.06
N VAL A 229 9.56 -9.37 13.60
CA VAL A 229 9.42 -8.14 12.95
C VAL A 229 9.34 -7.00 13.90
N ILE A 230 9.91 -5.84 13.52
CA ILE A 230 9.60 -4.58 14.16
C ILE A 230 8.88 -3.69 13.15
N TRP A 231 7.80 -3.05 13.58
CA TRP A 231 6.88 -2.35 12.75
C TRP A 231 6.74 -0.92 13.20
N LYS A 232 7.02 -0.01 12.30
CA LYS A 232 6.98 1.43 12.61
C LYS A 232 5.93 2.00 11.70
N PRO A 233 4.72 2.21 12.21
CA PRO A 233 3.70 2.78 11.38
C PRO A 233 3.77 4.29 11.28
N SER A 234 3.04 4.84 10.35
CA SER A 234 3.07 6.24 10.11
C SER A 234 2.25 6.89 11.25
N ILE A 235 2.68 8.03 11.75
CA ILE A 235 1.95 8.71 12.87
C ILE A 235 0.46 8.88 12.65
N THR A 236 0.08 9.40 11.51
CA THR A 236 -1.34 9.68 11.20
C THR A 236 -2.19 8.44 10.99
N GLN A 237 -1.54 7.27 10.87
CA GLN A 237 -2.27 6.00 10.74
C GLN A 237 -2.21 5.15 12.01
N THR A 238 -1.62 5.69 13.07
CA THR A 238 -1.29 4.86 14.22
C THR A 238 -2.53 4.40 15.02
N LEU A 239 -3.65 5.10 14.92
CA LEU A 239 -4.84 4.59 15.59
C LEU A 239 -5.27 3.25 14.99
N ALA A 240 -5.43 3.21 13.69
CA ALA A 240 -5.74 1.95 13.03
C ALA A 240 -4.62 0.92 13.15
N ALA A 241 -3.39 1.34 13.16
CA ALA A 241 -2.30 0.39 13.35
C ALA A 241 -2.32 -0.24 14.76
N TYR A 242 -2.61 0.53 15.78
CA TYR A 242 -2.71 -0.01 17.16
C TYR A 242 -3.84 -1.01 17.32
N LEU A 243 -4.98 -0.68 16.74
CA LEU A 243 -6.11 -1.53 16.72
C LEU A 243 -5.85 -2.82 15.91
N THR A 244 -5.12 -2.67 14.82
CA THR A 244 -4.63 -3.84 14.06
C THR A 244 -3.75 -4.79 14.92
N MET A 245 -2.84 -4.23 15.66
CA MET A 245 -2.07 -5.01 16.57
C MET A 245 -2.92 -5.76 17.61
N GLN A 246 -3.93 -5.06 18.16
CA GLN A 246 -4.87 -5.66 19.07
C GLN A 246 -5.64 -6.76 18.42
N LEU A 247 -6.06 -6.55 17.17
CA LEU A 247 -6.75 -7.60 16.46
C LEU A 247 -5.86 -8.85 16.30
N LEU A 248 -4.62 -8.64 15.88
CA LEU A 248 -3.67 -9.76 15.73
C LEU A 248 -3.46 -10.50 17.06
N GLU A 249 -3.30 -9.75 18.16
CA GLU A 249 -3.25 -10.41 19.46
C GLU A 249 -4.50 -11.23 19.71
N ALA A 250 -5.68 -10.66 19.51
CA ALA A 250 -6.91 -11.41 19.68
C ALA A 250 -6.95 -12.67 18.78
N ALA A 251 -6.21 -12.67 17.65
CA ALA A 251 -6.16 -13.83 16.76
C ALA A 251 -5.15 -14.86 17.23
N GLY A 252 -4.39 -14.52 18.25
CA GLY A 252 -3.38 -15.42 18.79
C GLY A 252 -1.97 -15.20 18.31
N LEU A 253 -1.64 -14.04 17.76
CA LEU A 253 -0.27 -13.74 17.43
C LEU A 253 0.55 -13.77 18.72
N PRO A 254 1.63 -14.57 18.80
CA PRO A 254 2.36 -14.68 20.04
C PRO A 254 3.19 -13.41 20.31
N PRO A 255 3.47 -13.11 21.60
CA PRO A 255 4.14 -11.90 21.96
C PRO A 255 5.52 -11.83 21.35
N GLY A 256 5.84 -10.64 20.81
CA GLY A 256 7.16 -10.36 20.26
C GLY A 256 7.36 -10.78 18.81
N VAL A 257 6.39 -11.41 18.16
CA VAL A 257 6.54 -11.79 16.74
C VAL A 257 6.49 -10.50 15.86
N ILE A 258 5.62 -9.58 16.25
CA ILE A 258 5.61 -8.27 15.71
C ILE A 258 5.56 -7.26 16.87
N ASN A 259 6.40 -6.25 16.74
CA ASN A 259 6.64 -5.27 17.76
C ASN A 259 6.41 -3.90 17.19
N LEU A 260 5.40 -3.24 17.71
CA LEU A 260 4.99 -1.94 17.21
C LEU A 260 5.73 -0.83 17.96
N VAL A 261 6.46 -0.01 17.20
CA VAL A 261 7.13 1.18 17.71
C VAL A 261 6.58 2.44 17.01
N THR A 262 5.98 3.35 17.78
CA THR A 262 5.33 4.53 17.25
C THR A 262 6.28 5.73 17.08
N GLY A 263 5.83 6.72 16.31
CA GLY A 263 6.64 7.94 16.08
C GLY A 263 7.11 8.19 14.68
N ASP A 264 8.15 9.03 14.60
CA ASP A 264 8.62 9.55 13.32
C ASP A 264 9.63 8.62 12.70
N GLY A 265 10.10 7.64 13.45
CA GLY A 265 10.91 6.58 12.84
C GLY A 265 12.39 6.78 12.92
N PHE A 266 12.84 7.98 13.31
CA PHE A 266 14.29 8.23 13.17
C PHE A 266 15.15 7.42 14.14
N ALA A 267 14.78 7.39 15.42
CA ALA A 267 15.52 6.61 16.38
C ALA A 267 15.40 5.10 16.11
N VAL A 268 14.28 4.69 15.52
CA VAL A 268 14.10 3.28 15.18
C VAL A 268 15.04 2.88 14.08
N SER A 269 15.11 3.67 13.00
CA SER A 269 16.10 3.35 11.96
C SER A 269 17.51 3.41 12.42
N ASP A 270 17.83 4.32 13.36
CA ASP A 270 19.24 4.39 13.84
C ASP A 270 19.59 3.07 14.48
N VAL A 271 18.67 2.54 15.28
CA VAL A 271 18.92 1.24 15.93
C VAL A 271 18.83 0.07 14.94
N ALA A 272 17.75 -0.01 14.17
CA ALA A 272 17.59 -1.15 13.29
C ALA A 272 18.73 -1.23 12.27
N LEU A 273 19.12 -0.11 11.65
CA LEU A 273 20.11 -0.20 10.60
C LEU A 273 21.53 -0.46 11.04
N ALA A 274 21.81 -0.21 12.29
CA ALA A 274 23.09 -0.50 12.90
C ALA A 274 23.10 -1.92 13.43
N ASP A 275 21.95 -2.58 13.62
CA ASP A 275 22.01 -3.93 14.21
C ASP A 275 22.47 -4.95 13.17
N PRO A 276 23.51 -5.76 13.48
CA PRO A 276 23.99 -6.75 12.49
C PRO A 276 22.97 -7.84 12.15
N ARG A 277 21.91 -7.97 12.95
CA ARG A 277 20.89 -8.99 12.73
C ARG A 277 19.78 -8.56 11.79
N LEU A 278 19.90 -7.37 11.20
CA LEU A 278 18.86 -6.88 10.27
C LEU A 278 18.82 -7.75 9.02
N ALA A 279 17.72 -8.45 8.80
CA ALA A 279 17.64 -9.39 7.70
C ALA A 279 16.91 -8.79 6.52
N GLY A 280 16.05 -7.82 6.76
CA GLY A 280 15.38 -7.19 5.67
C GLY A 280 14.56 -5.99 6.11
N ILE A 281 14.12 -5.22 5.11
CA ILE A 281 13.30 -4.03 5.25
C ILE A 281 12.13 -4.11 4.28
N HIS A 282 10.90 -3.98 4.80
CA HIS A 282 9.73 -4.00 3.97
C HIS A 282 9.15 -2.61 4.13
N PHE A 283 9.14 -1.84 3.04
N PHE A 283 9.17 -1.85 3.02
CA PHE A 283 8.86 -0.43 3.13
CA PHE A 283 8.93 -0.41 3.03
C PHE A 283 8.06 0.07 1.94
C PHE A 283 7.94 -0.01 1.96
N THR A 284 7.26 1.11 2.18
CA THR A 284 6.29 1.68 1.15
C THR A 284 5.93 3.09 1.58
N GLY A 285 6.10 4.02 0.68
CA GLY A 285 6.16 5.49 0.97
C GLY A 285 6.85 6.18 -0.21
N SER A 286 7.70 7.19 0.02
CA SER A 286 8.28 7.98 -1.10
C SER A 286 9.47 7.24 -1.78
N THR A 287 10.00 7.77 -2.88
CA THR A 287 11.24 7.23 -3.41
C THR A 287 12.43 8.09 -2.97
N ALA A 288 12.14 9.10 -2.16
CA ALA A 288 13.17 9.84 -1.41
C ALA A 288 13.61 9.09 -0.13
N THR A 289 12.75 8.21 0.37
CA THR A 289 13.14 7.37 1.47
C THR A 289 13.62 6.02 0.88
N PHE A 290 13.28 5.73 -0.37
CA PHE A 290 13.94 4.63 -1.08
C PHE A 290 15.45 4.83 -1.24
N GLY A 291 15.90 6.08 -1.18
CA GLY A 291 17.33 6.37 -1.21
C GLY A 291 17.98 6.19 0.15
N TRP A 294 18.25 1.40 0.63
CA TRP A 294 18.64 2.66 1.15
C TRP A 294 20.12 2.66 0.95
N GLN A 295 20.68 3.87 0.89
CA GLN A 295 22.13 4.07 0.86
C GLN A 295 22.84 3.49 2.12
N TRP A 296 22.18 3.74 3.25
CA TRP A 296 22.65 3.51 4.61
C TRP A 296 22.91 2.05 4.89
N VAL A 297 22.20 1.18 4.18
CA VAL A 297 22.44 -0.27 4.19
C VAL A 297 23.63 -0.69 3.28
N GLY A 298 23.81 -0.02 2.16
CA GLY A 298 24.97 -0.34 1.29
C GLY A 298 26.30 0.11 1.92
N THR A 299 26.18 1.07 2.84
CA THR A 299 27.33 1.54 3.59
C THR A 299 27.76 0.40 4.51
N ASN A 300 26.87 0.05 5.42
CA ASN A 300 27.20 -0.89 6.49
C ASN A 300 27.30 -2.40 6.11
N ILE A 301 27.34 -2.72 4.83
CA ILE A 301 27.16 -4.11 4.40
C ILE A 301 27.98 -5.16 5.13
N GLY A 302 29.21 -4.83 5.48
CA GLY A 302 30.07 -5.73 6.21
C GLY A 302 29.74 -5.83 7.69
N ARG A 303 28.82 -5.02 8.17
CA ARG A 303 28.37 -5.24 9.53
C ARG A 303 27.26 -6.29 9.67
N TYR A 304 26.57 -6.63 8.59
CA TYR A 304 25.38 -7.50 8.70
C TYR A 304 25.69 -9.00 8.57
N HIS A 305 25.06 -9.83 9.39
CA HIS A 305 25.19 -11.28 9.28
C HIS A 305 24.64 -11.77 7.97
N SER A 306 23.54 -11.20 7.52
CA SER A 306 22.95 -11.60 6.23
C SER A 306 22.96 -10.38 5.35
N TYR A 307 22.83 -10.57 4.05
CA TYR A 307 22.65 -9.44 3.12
C TYR A 307 21.20 -8.90 3.25
N PRO A 308 21.01 -7.67 3.72
CA PRO A 308 19.59 -7.30 3.97
C PRO A 308 18.78 -7.24 2.66
N ARG A 309 17.55 -7.72 2.72
CA ARG A 309 16.63 -7.72 1.63
C ARG A 309 15.73 -6.49 1.69
N LEU A 310 15.77 -5.66 0.66
CA LEU A 310 15.04 -4.40 0.65
C LEU A 310 13.91 -4.59 -0.30
N VAL A 311 12.72 -4.60 0.23
CA VAL A 311 11.53 -4.91 -0.52
C VAL A 311 10.60 -3.71 -0.31
N GLY A 312 10.43 -2.95 -1.40
CA GLY A 312 9.79 -1.65 -1.39
C GLY A 312 8.81 -1.43 -2.57
N GLU A 313 7.84 -0.52 -2.36
CA GLU A 313 7.01 0.09 -3.42
C GLU A 313 7.20 1.61 -3.30
N THR A 314 7.17 2.28 -4.45
CA THR A 314 7.11 3.74 -4.57
C THR A 314 5.68 4.21 -4.87
N GLY A 315 5.44 5.50 -4.73
CA GLY A 315 4.19 6.10 -5.21
C GLY A 315 4.39 6.59 -6.63
N GLY A 316 3.44 7.31 -7.18
CA GLY A 316 3.66 7.94 -8.46
C GLY A 316 2.40 8.74 -8.79
N LYS A 317 2.28 9.13 -10.04
CA LYS A 317 1.09 9.90 -10.49
C LYS A 317 0.69 9.33 -11.83
N ASP A 318 -0.59 9.17 -12.01
CA ASP A 318 -1.10 8.43 -13.13
C ASP A 318 -1.70 9.36 -14.20
N PHE A 319 -1.90 8.80 -15.40
CA PHE A 319 -2.50 9.50 -16.55
C PHE A 319 -3.65 8.69 -17.15
N VAL A 320 -4.54 9.39 -17.82
CA VAL A 320 -5.59 8.87 -18.62
C VAL A 320 -5.55 9.55 -19.97
N VAL A 321 -5.61 8.76 -21.06
CA VAL A 321 -5.75 9.27 -22.39
C VAL A 321 -7.11 8.83 -22.93
N ALA A 322 -7.88 9.80 -23.44
CA ALA A 322 -9.15 9.53 -24.08
C ALA A 322 -9.06 9.76 -25.55
N HIS A 323 -9.22 8.68 -26.32
CA HIS A 323 -9.35 8.71 -27.77
C HIS A 323 -10.69 9.34 -28.18
N ALA A 324 -10.88 9.66 -29.45
CA ALA A 324 -12.11 10.28 -29.90
C ALA A 324 -13.34 9.35 -29.67
N SER A 325 -13.08 8.04 -29.65
CA SER A 325 -14.11 7.02 -29.41
C SER A 325 -14.43 6.77 -27.92
N ALA A 326 -13.85 7.54 -26.98
CA ALA A 326 -14.17 7.40 -25.57
C ALA A 326 -15.60 7.67 -25.26
N ARG A 327 -16.19 6.88 -24.38
CA ARG A 327 -17.48 7.22 -23.87
C ARG A 327 -17.37 8.39 -22.88
N PRO A 328 -18.10 9.49 -23.15
CA PRO A 328 -17.87 10.66 -22.29
C PRO A 328 -18.22 10.50 -20.81
N ASP A 329 -19.30 9.80 -20.46
CA ASP A 329 -19.70 9.68 -19.04
C ASP A 329 -18.75 8.71 -18.32
N VAL A 330 -18.24 7.71 -19.07
CA VAL A 330 -17.16 6.85 -18.55
C VAL A 330 -15.94 7.61 -18.26
N LEU A 331 -15.46 8.43 -19.23
CA LEU A 331 -14.27 9.25 -19.01
C LEU A 331 -14.45 10.15 -17.84
N ARG A 332 -15.56 10.87 -17.82
CA ARG A 332 -15.80 11.83 -16.74
C ARG A 332 -15.78 11.22 -15.36
N THR A 333 -16.47 10.10 -15.22
CA THR A 333 -16.47 9.38 -13.93
C THR A 333 -15.09 8.83 -13.52
N ALA A 334 -14.35 8.35 -14.52
CA ALA A 334 -13.03 7.79 -14.27
C ALA A 334 -12.08 8.90 -13.81
N LEU A 335 -12.23 10.09 -14.40
CA LEU A 335 -11.43 11.25 -13.97
C LEU A 335 -11.77 11.75 -12.59
N ILE A 336 -13.03 11.82 -12.28
CA ILE A 336 -13.43 12.29 -10.99
C ILE A 336 -13.02 11.30 -9.90
N ARG A 337 -13.30 10.03 -10.10
CA ARG A 337 -12.93 9.05 -9.09
C ARG A 337 -11.46 8.93 -9.04
N GLY A 338 -10.84 8.91 -10.22
CA GLY A 338 -9.42 8.62 -10.25
C GLY A 338 -8.62 9.72 -9.62
N ALA A 339 -9.06 10.97 -9.78
CA ALA A 339 -8.30 12.09 -9.25
C ALA A 339 -8.66 12.47 -7.82
N PHE A 340 -9.92 12.34 -7.48
CA PHE A 340 -10.52 12.95 -6.29
C PHE A 340 -10.92 11.91 -5.22
N ASP A 341 -10.88 10.59 -5.53
CA ASP A 341 -11.11 9.53 -4.52
C ASP A 341 -10.01 9.74 -3.50
N TYR A 342 -10.37 9.66 -2.20
CA TYR A 342 -9.41 9.85 -1.08
C TYR A 342 -8.59 11.13 -1.24
N GLN A 343 -9.21 12.16 -1.81
CA GLN A 343 -8.51 13.44 -1.95
C GLN A 343 -7.19 13.35 -2.73
N GLY A 344 -7.15 12.42 -3.71
CA GLY A 344 -5.92 12.18 -4.47
C GLY A 344 -4.76 11.60 -3.70
N GLN A 345 -5.01 10.91 -2.60
CA GLN A 345 -3.91 10.47 -1.75
C GLN A 345 -3.66 8.98 -1.76
N LYS A 346 -4.23 8.27 -2.69
CA LYS A 346 -3.89 6.85 -2.83
C LYS A 346 -2.39 6.78 -3.23
N CME A 347 -1.81 5.60 -3.44
CA CME A 347 -0.32 5.56 -3.68
CB CME A 347 0.25 4.14 -3.71
SG CME A 347 0.05 3.37 -2.12
SD CME A 347 1.16 4.34 -0.70
CE CME A 347 2.81 3.94 -1.22
CZ CME A 347 3.49 5.06 -1.97
OH CME A 347 3.72 6.10 -1.02
C CME A 347 0.02 6.28 -4.97
O CME A 347 1.12 6.85 -5.12
N SER A 348 -0.89 6.18 -5.91
CA SER A 348 -0.90 7.08 -7.03
C SER A 348 -2.33 7.59 -7.28
N ALA A 349 -2.47 8.68 -8.02
CA ALA A 349 -3.79 9.18 -8.34
C ALA A 349 -3.68 9.76 -9.74
N VAL A 350 -4.81 9.86 -10.47
CA VAL A 350 -4.81 10.51 -11.75
C VAL A 350 -4.50 12.01 -11.59
N SER A 351 -3.38 12.42 -12.17
CA SER A 351 -2.96 13.82 -12.14
C SER A 351 -3.04 14.45 -13.53
N ARG A 352 -3.01 13.66 -14.59
CA ARG A 352 -2.96 14.20 -15.95
C ARG A 352 -3.91 13.46 -16.85
N ALA A 353 -4.78 14.19 -17.54
CA ALA A 353 -5.66 13.65 -18.54
C ALA A 353 -5.34 14.30 -19.87
N PHE A 354 -5.40 13.49 -20.92
CA PHE A 354 -5.19 13.91 -22.31
C PHE A 354 -6.46 13.52 -23.03
N ILE A 355 -7.25 14.51 -23.41
CA ILE A 355 -8.60 14.29 -23.90
C ILE A 355 -8.74 14.89 -25.30
N ALA A 356 -9.24 14.07 -26.23
CA ALA A 356 -9.57 14.45 -27.59
C ALA A 356 -10.55 15.58 -27.57
N HIS A 357 -10.28 16.55 -28.43
CA HIS A 357 -11.13 17.78 -28.54
C HIS A 357 -12.62 17.51 -28.62
N SER A 358 -13.03 16.63 -29.52
CA SER A 358 -14.42 16.33 -29.69
C SER A 358 -15.02 15.71 -28.43
N VAL A 359 -14.22 14.99 -27.63
CA VAL A 359 -14.78 14.40 -26.40
C VAL A 359 -14.87 15.48 -25.32
N TRP A 360 -13.86 16.34 -25.23
CA TRP A 360 -13.94 17.47 -24.32
C TRP A 360 -15.18 18.36 -24.58
N GLN A 361 -15.56 18.55 -25.83
CA GLN A 361 -16.81 19.29 -26.13
C GLN A 361 -18.02 18.66 -25.51
N ARG A 362 -18.06 17.32 -25.44
CA ARG A 362 -19.17 16.58 -24.92
C ARG A 362 -19.18 16.44 -23.39
N MET A 363 -18.04 16.47 -22.73
CA MET A 363 -18.10 16.31 -21.28
C MET A 363 -17.29 17.26 -20.44
N GLY A 364 -16.66 18.26 -21.03
CA GLY A 364 -15.78 19.15 -20.28
C GLY A 364 -16.55 19.99 -19.25
N ASP A 365 -17.67 20.58 -19.68
CA ASP A 365 -18.50 21.40 -18.75
C ASP A 365 -19.02 20.54 -17.60
N GLU A 366 -19.47 19.31 -17.86
CA GLU A 366 -20.00 18.46 -16.81
C GLU A 366 -18.92 18.03 -15.86
N LEU A 367 -17.71 17.77 -16.35
CA LEU A 367 -16.58 17.45 -15.46
C LEU A 367 -16.32 18.60 -14.46
N LEU A 368 -16.24 19.80 -14.99
CA LEU A 368 -16.00 20.99 -14.17
C LEU A 368 -17.15 21.20 -13.21
N ALA A 369 -18.37 21.08 -13.66
CA ALA A 369 -19.50 21.29 -12.74
C ALA A 369 -19.54 20.22 -11.67
N LYS A 370 -19.26 18.97 -12.03
CA LYS A 370 -19.35 17.92 -10.97
C LYS A 370 -18.23 18.08 -9.94
N ALA A 371 -17.04 18.46 -10.41
CA ALA A 371 -15.92 18.72 -9.54
C ALA A 371 -16.22 19.89 -8.60
N ALA A 372 -16.95 20.88 -9.08
CA ALA A 372 -17.26 22.07 -8.23
C ALA A 372 -18.22 21.71 -7.12
N GLU A 373 -19.20 20.88 -7.40
CA GLU A 373 -20.17 20.36 -6.46
C GLU A 373 -19.66 19.25 -5.50
N LEU A 374 -18.51 18.63 -5.80
CA LEU A 374 -18.07 17.45 -5.05
C LEU A 374 -17.81 17.87 -3.58
N ARG A 375 -18.36 17.14 -2.63
CA ARG A 375 -18.25 17.55 -1.22
C ARG A 375 -17.19 16.84 -0.46
N TYR A 376 -16.27 17.64 0.06
CA TYR A 376 -15.27 17.19 1.00
C TYR A 376 -15.57 17.80 2.33
N GLY A 377 -15.51 17.00 3.39
CA GLY A 377 -15.87 17.50 4.72
C GLY A 377 -15.58 16.44 5.76
N ASP A 378 -16.27 16.55 6.90
CA ASP A 378 -16.09 15.64 8.00
C ASP A 378 -16.65 14.30 7.53
N ILE A 379 -15.84 13.25 7.54
CA ILE A 379 -16.27 11.97 6.97
C ILE A 379 -17.17 11.18 7.89
N THR A 380 -17.50 11.74 9.06
CA THR A 380 -18.59 11.16 9.88
C THR A 380 -19.93 11.55 9.32
N ASP A 381 -19.94 12.54 8.42
CA ASP A 381 -21.12 12.81 7.61
C ASP A 381 -20.95 12.00 6.31
N LEU A 382 -21.70 10.92 6.22
CA LEU A 382 -21.48 9.96 5.16
C LEU A 382 -21.95 10.48 3.81
N SER A 383 -22.61 11.64 3.76
CA SER A 383 -23.02 12.21 2.49
C SER A 383 -21.81 12.79 1.78
N ASN A 384 -20.71 13.10 2.47
CA ASN A 384 -19.58 13.66 1.83
C ASN A 384 -18.87 12.60 0.92
N TYR A 385 -18.27 13.08 -0.15
CA TYR A 385 -17.54 12.25 -1.09
C TYR A 385 -16.20 11.88 -0.46
N GLY A 386 -15.60 12.82 0.26
CA GLY A 386 -14.33 12.61 0.89
C GLY A 386 -14.09 13.59 2.00
N GLY A 387 -12.87 13.55 2.48
CA GLY A 387 -12.38 14.27 3.65
C GLY A 387 -11.35 15.31 3.38
N ALA A 388 -10.40 15.43 4.29
CA ALA A 388 -9.36 16.40 4.19
C ALA A 388 -8.04 15.75 3.82
N LEU A 389 -7.02 16.56 3.54
CA LEU A 389 -5.65 16.03 3.38
C LEU A 389 -5.10 15.58 4.70
N ILE A 390 -4.04 14.76 4.68
CA ILE A 390 -3.66 13.99 5.86
C ILE A 390 -3.07 14.80 6.98
N ASP A 391 -2.28 15.83 6.68
CA ASP A 391 -1.66 16.71 7.70
C ASP A 391 -1.23 18.05 7.10
N GLN A 392 -0.65 18.89 7.94
CA GLN A 392 -0.35 20.26 7.60
C GLN A 392 0.69 20.26 6.51
N ARG A 393 1.72 19.40 6.60
CA ARG A 393 2.74 19.35 5.52
C ARG A 393 2.13 19.08 4.13
N ALA A 394 1.18 18.15 4.08
CA ALA A 394 0.50 17.86 2.84
C ALA A 394 -0.32 19.04 2.38
N PHE A 395 -1.02 19.70 3.31
CA PHE A 395 -1.81 20.90 2.96
C PHE A 395 -0.94 22.00 2.31
N VAL A 396 0.22 22.27 2.89
CA VAL A 396 1.15 23.30 2.39
C VAL A 396 1.67 22.93 0.98
N LYS A 397 1.97 21.65 0.73
CA LYS A 397 2.44 21.25 -0.59
C LYS A 397 1.37 21.47 -1.65
N ASN A 398 0.14 21.21 -1.28
CA ASN A 398 -0.97 21.44 -2.19
C ASN A 398 -1.23 22.93 -2.39
N VAL A 399 -1.10 23.73 -1.35
CA VAL A 399 -1.22 25.20 -1.50
C VAL A 399 -0.17 25.70 -2.49
N ASP A 400 1.04 25.25 -2.28
CA ASP A 400 2.16 25.64 -3.13
C ASP A 400 1.95 25.24 -4.61
N ALA A 401 1.45 24.03 -4.86
CA ALA A 401 1.15 23.60 -6.24
C ALA A 401 0.02 24.41 -6.84
N ILE A 402 -1.00 24.72 -6.06
CA ILE A 402 -2.10 25.51 -6.60
C ILE A 402 -1.60 26.92 -6.98
N GLU A 403 -0.82 27.52 -6.09
CA GLU A 403 -0.25 28.85 -6.35
C GLU A 403 0.74 28.84 -7.54
N ARG A 404 1.55 27.80 -7.69
CA ARG A 404 2.37 27.63 -8.92
C ARG A 404 1.50 27.62 -10.18
N ALA A 405 0.38 26.89 -10.14
CA ALA A 405 -0.49 26.81 -11.30
C ALA A 405 -1.14 28.16 -11.68
N LYS A 406 -1.65 28.89 -10.71
CA LYS A 406 -2.08 30.24 -10.96
C LYS A 406 -0.97 31.10 -11.60
N GLY A 407 0.25 31.05 -11.10
CA GLY A 407 1.29 31.89 -11.63
C GLY A 407 1.84 31.47 -12.98
N ALA A 408 1.60 30.22 -13.38
CA ALA A 408 2.25 29.64 -14.55
C ALA A 408 1.47 30.02 -15.80
N ALA A 409 2.22 30.43 -16.82
CA ALA A 409 1.65 30.91 -18.09
C ALA A 409 0.87 29.76 -18.80
N ALA A 410 1.46 28.59 -18.77
CA ALA A 410 0.95 27.44 -19.49
C ALA A 410 -0.35 26.80 -18.93
N VAL A 411 -0.88 27.31 -17.81
CA VAL A 411 -1.89 26.62 -17.03
C VAL A 411 -2.94 27.58 -16.48
N THR A 412 -4.21 27.22 -16.63
CA THR A 412 -5.38 27.98 -16.15
C THR A 412 -6.08 27.13 -15.10
N VAL A 413 -6.51 27.74 -14.00
CA VAL A 413 -7.35 27.03 -13.04
C VAL A 413 -8.77 27.05 -13.49
N ALA A 414 -9.30 25.92 -13.92
CA ALA A 414 -10.62 25.88 -14.52
C ALA A 414 -11.72 25.75 -13.50
N VAL A 415 -11.44 25.10 -12.37
CA VAL A 415 -12.42 24.99 -11.32
C VAL A 415 -11.68 24.62 -10.05
N GLY A 416 -12.22 25.00 -8.92
CA GLY A 416 -11.60 24.69 -7.64
C GLY A 416 -10.45 25.59 -7.29
N GLY A 417 -9.44 25.04 -6.64
CA GLY A 417 -8.30 25.82 -6.24
C GLY A 417 -8.38 26.45 -4.83
N GLU A 418 -9.53 26.40 -4.19
CA GLU A 418 -9.72 26.96 -2.85
C GLU A 418 -9.27 25.96 -1.80
N TYR A 419 -8.86 26.50 -0.65
CA TYR A 419 -8.26 25.71 0.43
C TYR A 419 -8.45 26.44 1.73
N ASP A 420 -8.57 25.73 2.84
CA ASP A 420 -8.77 26.37 4.16
C ASP A 420 -8.43 25.35 5.23
N ASP A 421 -7.37 25.63 6.00
CA ASP A 421 -6.88 24.72 7.02
C ASP A 421 -7.37 25.10 8.40
N SER A 422 -8.46 25.84 8.50
CA SER A 422 -8.80 26.41 9.83
C SER A 422 -9.50 25.37 10.72
N GLU A 423 -10.35 24.52 10.14
CA GLU A 423 -10.98 23.40 10.84
C GLU A 423 -10.38 22.03 10.48
N GLY A 424 -10.14 21.80 9.19
CA GLY A 424 -9.40 20.63 8.77
C GLY A 424 -8.49 21.00 7.63
N TYR A 425 -7.70 20.05 7.15
CA TYR A 425 -6.78 20.34 6.06
C TYR A 425 -7.44 20.21 4.68
N PHE A 426 -8.40 21.08 4.41
CA PHE A 426 -9.24 20.94 3.29
C PHE A 426 -8.72 21.65 2.04
N VAL A 427 -8.61 20.87 0.95
CA VAL A 427 -8.34 21.40 -0.38
C VAL A 427 -9.41 20.93 -1.31
N ARG A 428 -9.99 21.87 -2.07
CA ARG A 428 -11.08 21.55 -2.98
C ARG A 428 -10.57 20.81 -4.21
N PRO A 429 -11.40 19.97 -4.76
CA PRO A 429 -11.02 19.37 -6.04
C PRO A 429 -10.73 20.45 -7.05
N THR A 430 -9.59 20.35 -7.72
CA THR A 430 -9.14 21.36 -8.61
C THR A 430 -8.85 20.76 -10.01
N VAL A 431 -9.29 21.45 -11.06
CA VAL A 431 -9.01 21.06 -12.45
C VAL A 431 -8.25 22.18 -13.12
N LEU A 432 -7.06 21.87 -13.62
CA LEU A 432 -6.20 22.77 -14.33
C LEU A 432 -6.31 22.47 -15.84
N LEU A 433 -6.39 23.50 -16.66
CA LEU A 433 -6.29 23.35 -18.12
C LEU A 433 -4.93 23.76 -18.60
N SER A 434 -4.28 22.88 -19.32
CA SER A 434 -2.93 23.10 -19.76
C SER A 434 -2.99 23.15 -21.30
N ASP A 435 -2.47 24.23 -21.91
CA ASP A 435 -2.49 24.40 -23.39
C ASP A 435 -1.49 23.50 -24.12
N ASP A 436 -0.38 23.18 -23.46
CA ASP A 436 0.65 22.34 -24.03
C ASP A 436 0.66 21.02 -23.26
N PRO A 437 1.07 19.92 -23.90
CA PRO A 437 0.95 18.71 -23.08
C PRO A 437 1.52 18.88 -21.68
N THR A 438 0.69 18.45 -20.72
CA THR A 438 0.89 18.57 -19.28
C THR A 438 2.20 17.88 -18.79
N ASP A 439 3.08 18.72 -18.21
CA ASP A 439 4.48 18.38 -17.87
C ASP A 439 4.57 17.67 -16.51
N GLU A 440 5.10 16.47 -16.52
CA GLU A 440 4.97 15.56 -15.37
C GLU A 440 5.58 16.10 -14.07
N SER A 441 6.67 16.85 -14.19
CA SER A 441 7.45 17.30 -13.02
C SER A 441 6.66 18.23 -12.06
N PHE A 442 5.70 18.97 -12.60
CA PHE A 442 4.84 19.84 -11.77
C PHE A 442 3.91 19.01 -10.87
N VAL A 443 3.35 18.01 -11.51
CA VAL A 443 2.34 17.14 -10.97
C VAL A 443 2.81 16.20 -9.81
N ILE A 444 4.12 16.03 -9.66
CA ILE A 444 4.64 15.08 -8.66
C ILE A 444 4.99 15.63 -7.28
N GLU A 445 5.01 16.95 -7.14
CA GLU A 445 5.44 17.65 -5.90
C GLU A 445 4.46 17.63 -4.69
N TYR A 446 3.33 16.93 -4.83
CA TYR A 446 2.26 16.92 -3.84
C TYR A 446 1.42 15.65 -4.10
N PHE A 447 0.60 15.27 -3.12
CA PHE A 447 -0.53 14.36 -3.33
C PHE A 447 -1.72 15.12 -2.91
N GLY A 448 -2.70 15.23 -3.79
CA GLY A 448 -3.86 16.07 -3.50
C GLY A 448 -4.82 16.00 -4.64
N PRO A 449 -5.97 16.62 -4.48
CA PRO A 449 -6.99 16.54 -5.45
C PRO A 449 -6.83 17.53 -6.61
N LEU A 450 -5.77 17.38 -7.39
CA LEU A 450 -5.46 18.31 -8.48
C LEU A 450 -5.32 17.55 -9.79
N LEU A 451 -6.21 17.84 -10.73
CA LEU A 451 -6.21 17.17 -12.01
C LEU A 451 -5.87 18.18 -13.09
N SER A 452 -4.86 17.85 -13.90
CA SER A 452 -4.46 18.63 -15.01
C SER A 452 -4.94 18.01 -16.35
N VAL A 453 -5.65 18.78 -17.16
CA VAL A 453 -6.28 18.30 -18.40
C VAL A 453 -5.63 19.02 -19.58
N HIS A 454 -5.12 18.26 -20.54
CA HIS A 454 -4.70 18.77 -21.80
C HIS A 454 -5.68 18.29 -22.89
N VAL A 455 -6.31 19.22 -23.60
CA VAL A 455 -7.20 18.92 -24.72
C VAL A 455 -6.41 18.89 -26.02
N TYR A 456 -6.46 17.79 -26.76
CA TYR A 456 -5.55 17.64 -27.92
C TYR A 456 -6.45 17.35 -29.15
N PRO A 457 -6.03 17.77 -30.36
CA PRO A 457 -6.90 17.55 -31.52
C PRO A 457 -7.05 16.07 -31.85
N ASP A 458 -8.27 15.67 -32.24
CA ASP A 458 -8.57 14.23 -32.33
C ASP A 458 -7.54 13.49 -33.16
N GLU A 459 -7.10 14.10 -34.26
CA GLU A 459 -6.24 13.42 -35.21
C GLU A 459 -4.81 13.27 -34.69
N ARG A 460 -4.45 13.89 -33.54
CA ARG A 460 -3.12 13.79 -32.98
C ARG A 460 -2.96 12.65 -31.88
N TYR A 461 -3.88 11.71 -31.82
CA TYR A 461 -3.85 10.61 -30.85
C TYR A 461 -2.50 9.96 -30.76
N GLU A 462 -1.97 9.53 -31.88
CA GLU A 462 -0.66 8.87 -31.87
C GLU A 462 0.48 9.72 -31.39
N GLN A 463 0.45 10.99 -31.78
CA GLN A 463 1.44 11.94 -31.28
C GLN A 463 1.37 12.23 -29.80
N ILE A 464 0.17 12.33 -29.25
CA ILE A 464 -0.02 12.40 -27.82
C ILE A 464 0.46 11.13 -27.11
N LEU A 465 0.20 9.95 -27.67
CA LEU A 465 0.81 8.74 -27.08
C LEU A 465 2.31 8.86 -27.00
N ASP A 466 2.93 9.45 -28.02
CA ASP A 466 4.40 9.65 -27.98
C ASP A 466 4.87 10.61 -26.92
N VAL A 467 4.14 11.70 -26.76
CA VAL A 467 4.40 12.66 -25.71
C VAL A 467 4.25 12.00 -24.34
N ILE A 468 3.17 11.25 -24.12
CA ILE A 468 2.99 10.57 -22.82
C ILE A 468 4.22 9.66 -22.60
N ASP A 469 4.60 8.91 -23.61
CA ASP A 469 5.65 7.91 -23.44
C ASP A 469 6.97 8.57 -23.06
N THR A 470 7.35 9.58 -23.84
CA THR A 470 8.57 10.35 -23.63
C THR A 470 8.61 11.13 -22.37
N GLY A 471 7.46 11.62 -21.89
CA GLY A 471 7.42 12.43 -20.71
C GLY A 471 6.78 11.82 -19.47
N SER A 472 6.82 10.48 -19.33
CA SER A 472 6.28 9.83 -18.10
C SER A 472 7.24 8.78 -17.49
N ARG A 473 7.89 9.18 -16.40
CA ARG A 473 8.77 8.31 -15.65
C ARG A 473 8.18 7.96 -14.31
N TYR A 474 7.12 8.65 -13.88
CA TYR A 474 6.58 8.45 -12.54
C TYR A 474 5.17 7.99 -12.49
N ALA A 475 4.69 7.40 -13.60
CA ALA A 475 3.34 6.86 -13.63
C ALA A 475 3.38 5.42 -13.12
N LEU A 476 2.64 5.10 -12.06
CA LEU A 476 2.40 3.72 -11.75
C LEU A 476 1.40 3.14 -12.68
N THR A 477 0.38 3.92 -13.03
CA THR A 477 -0.69 3.39 -13.84
C THR A 477 -1.11 4.37 -14.93
N GLY A 478 -1.67 3.82 -15.99
CA GLY A 478 -2.25 4.63 -17.07
C GLY A 478 -3.51 3.99 -17.51
N ALA A 479 -4.38 4.78 -18.16
CA ALA A 479 -5.61 4.25 -18.71
C ALA A 479 -5.81 4.84 -20.09
N VAL A 480 -6.48 4.08 -20.93
CA VAL A 480 -7.00 4.52 -22.20
C VAL A 480 -8.47 4.34 -22.17
N ILE A 481 -9.17 5.41 -22.50
CA ILE A 481 -10.60 5.37 -22.64
C ILE A 481 -10.93 5.45 -24.15
N ALA A 482 -11.49 4.37 -24.69
CA ALA A 482 -11.72 4.21 -26.15
C ALA A 482 -12.58 2.97 -26.40
N ASP A 483 -13.60 3.10 -27.24
CA ASP A 483 -14.39 1.91 -27.64
C ASP A 483 -13.79 1.27 -28.89
N ASP A 484 -13.01 2.06 -29.63
CA ASP A 484 -12.37 1.62 -30.86
C ASP A 484 -11.22 0.66 -30.56
N ARG A 485 -11.35 -0.56 -31.03
CA ARG A 485 -10.30 -1.62 -30.69
C ARG A 485 -8.92 -1.33 -31.17
N GLN A 486 -8.77 -0.72 -32.32
CA GLN A 486 -7.43 -0.35 -32.79
C GLN A 486 -6.81 0.73 -31.92
N ALA A 487 -7.58 1.69 -31.45
CA ALA A 487 -7.11 2.72 -30.56
C ALA A 487 -6.62 2.10 -29.23
N VAL A 488 -7.39 1.17 -28.73
CA VAL A 488 -7.04 0.40 -27.55
C VAL A 488 -5.71 -0.30 -27.72
N LEU A 489 -5.58 -1.10 -28.78
CA LEU A 489 -4.36 -1.83 -29.00
C LEU A 489 -3.14 -0.97 -29.24
N THR A 490 -3.32 0.16 -29.96
CA THR A 490 -2.28 1.11 -30.16
C THR A 490 -1.79 1.70 -28.82
N ALA A 491 -2.71 2.04 -27.90
CA ALA A 491 -2.28 2.47 -26.55
C ALA A 491 -1.56 1.34 -25.80
N LEU A 492 -2.04 0.12 -25.88
CA LEU A 492 -1.40 -0.95 -25.12
C LEU A 492 0.02 -1.22 -25.59
N ASP A 493 0.24 -1.08 -26.89
CA ASP A 493 1.52 -1.22 -27.57
C ASP A 493 2.41 0.00 -27.29
N ARG A 494 1.98 1.22 -27.63
CA ARG A 494 2.84 2.38 -27.55
C ARG A 494 3.16 2.76 -26.11
N LEU A 495 2.24 2.52 -25.17
CA LEU A 495 2.47 2.90 -23.77
C LEU A 495 2.90 1.69 -22.91
N ARG A 496 3.33 0.62 -23.59
CA ARG A 496 3.66 -0.64 -22.94
C ARG A 496 4.67 -0.42 -21.78
N PHE A 497 5.65 0.47 -22.01
CA PHE A 497 6.69 0.78 -21.04
C PHE A 497 6.53 2.08 -20.29
N ALA A 498 5.44 2.80 -20.49
CA ALA A 498 5.26 4.13 -19.94
C ALA A 498 4.53 4.13 -18.62
N ALA A 499 4.04 2.98 -18.22
CA ALA A 499 3.37 2.84 -16.96
C ALA A 499 3.56 1.44 -16.58
N GLY A 500 3.17 1.13 -15.35
CA GLY A 500 3.26 -0.19 -14.85
C GLY A 500 2.06 -1.07 -14.89
N ASN A 501 0.92 -0.59 -14.48
CA ASN A 501 -0.34 -1.28 -14.69
C ASN A 501 -1.16 -0.44 -15.67
N PHE A 502 -1.93 -1.09 -16.52
CA PHE A 502 -2.60 -0.38 -17.61
C PHE A 502 -4.07 -0.71 -17.62
N TYR A 503 -4.93 0.30 -17.77
CA TYR A 503 -6.39 0.10 -17.67
C TYR A 503 -7.10 0.49 -18.97
N VAL A 504 -8.13 -0.24 -19.37
CA VAL A 504 -8.86 0.06 -20.58
C VAL A 504 -10.30 0.32 -20.10
N ASN A 505 -10.78 1.50 -20.38
CA ASN A 505 -12.15 1.93 -20.11
C ASN A 505 -12.55 1.87 -18.63
N ASP A 506 -11.63 2.25 -17.81
CA ASP A 506 -11.91 2.46 -16.40
C ASP A 506 -10.84 3.36 -15.79
N LYS A 507 -11.04 3.78 -14.55
CA LYS A 507 -10.05 4.53 -13.82
C LYS A 507 -8.88 3.60 -13.50
N PRO A 508 -7.67 4.14 -13.56
CA PRO A 508 -6.51 3.39 -13.23
C PRO A 508 -6.33 3.64 -11.76
N THR A 509 -6.21 2.61 -11.00
CA THR A 509 -6.31 2.77 -9.57
C THR A 509 -5.59 1.62 -8.85
N GLY A 510 -5.77 1.57 -7.53
CA GLY A 510 -5.33 0.46 -6.72
C GLY A 510 -5.90 -0.89 -7.17
N ALA A 511 -5.00 -1.84 -7.19
CA ALA A 511 -5.35 -3.18 -7.46
C ALA A 511 -6.26 -3.78 -6.38
N VAL A 512 -7.09 -4.71 -6.79
CA VAL A 512 -7.67 -5.69 -5.91
C VAL A 512 -6.70 -6.90 -5.86
N VAL A 513 -6.50 -7.46 -4.67
CA VAL A 513 -5.52 -8.52 -4.43
C VAL A 513 -5.86 -9.71 -5.27
N GLY A 514 -4.87 -10.24 -5.98
CA GLY A 514 -5.07 -11.40 -6.84
C GLY A 514 -5.57 -11.01 -8.24
N ARG A 515 -6.00 -9.77 -8.45
CA ARG A 515 -6.58 -9.37 -9.71
C ARG A 515 -5.67 -8.45 -10.55
N GLN A 516 -5.02 -7.46 -9.92
CA GLN A 516 -4.07 -6.61 -10.61
C GLN A 516 -2.70 -6.53 -9.88
N PRO A 517 -1.98 -7.66 -9.83
CA PRO A 517 -0.63 -7.66 -9.24
C PRO A 517 0.36 -6.81 -10.02
N PHE A 518 1.52 -6.66 -9.42
CA PHE A 518 2.70 -6.16 -10.10
C PHE A 518 2.59 -4.72 -10.52
N GLY A 519 3.31 -4.40 -11.61
CA GLY A 519 3.49 -3.07 -12.15
C GLY A 519 4.73 -2.32 -11.61
N GLY A 520 4.49 -1.12 -11.06
CA GLY A 520 5.57 -0.16 -10.65
C GLY A 520 5.86 0.92 -11.66
N ALA A 521 6.62 1.95 -11.26
CA ALA A 521 6.93 3.03 -12.21
C ALA A 521 7.92 2.52 -13.20
N ARG A 522 8.10 3.29 -14.25
CA ARG A 522 8.99 2.92 -15.32
C ARG A 522 10.39 2.67 -14.70
N GLY A 523 11.01 1.57 -15.07
CA GLY A 523 12.35 1.32 -14.60
C GLY A 523 12.46 0.69 -13.23
N SER A 524 11.40 0.72 -12.43
CA SER A 524 11.43 0.13 -11.08
C SER A 524 11.73 -1.39 -11.14
N ASP A 525 12.12 -1.92 -10.00
CA ASP A 525 12.37 -3.31 -9.81
C ASP A 525 11.52 -3.73 -8.61
N THR A 526 10.23 -3.89 -8.81
CA THR A 526 9.32 -4.17 -7.72
C THR A 526 8.28 -5.28 -8.04
N ASN A 527 8.62 -6.24 -8.92
CA ASN A 527 7.80 -7.42 -9.21
C ASN A 527 7.56 -8.15 -7.84
N ASP A 528 8.43 -7.96 -6.83
CA ASP A 528 8.34 -8.67 -5.55
C ASP A 528 7.48 -7.91 -4.52
N LYS A 529 6.74 -6.90 -4.95
CA LYS A 529 5.91 -6.16 -4.00
C LYS A 529 4.72 -7.01 -3.54
N ALA A 530 4.05 -6.54 -2.49
CA ALA A 530 2.87 -7.24 -1.96
C ALA A 530 1.93 -7.52 -3.08
N GLY A 531 1.29 -8.69 -3.03
CA GLY A 531 0.22 -9.00 -3.90
C GLY A 531 0.46 -10.25 -4.74
N SER A 532 1.65 -10.85 -4.66
CA SER A 532 1.81 -12.16 -5.25
C SER A 532 2.70 -13.06 -4.40
N PRO A 533 2.82 -14.34 -4.79
CA PRO A 533 3.77 -15.16 -4.10
C PRO A 533 5.17 -14.60 -4.08
N LEU A 534 5.54 -13.81 -5.08
CA LEU A 534 6.94 -13.33 -5.15
C LEU A 534 7.36 -12.51 -3.92
N ASN A 535 6.40 -11.78 -3.29
CA ASN A 535 6.70 -11.08 -2.07
C ASN A 535 7.06 -12.03 -0.93
N LEU A 536 6.31 -13.13 -0.80
CA LEU A 536 6.54 -14.04 0.28
C LEU A 536 7.89 -14.79 0.17
N LEU A 537 8.28 -15.09 -1.05
CA LEU A 537 9.61 -15.68 -1.34
C LEU A 537 10.74 -14.78 -0.90
N ARG A 538 10.54 -13.45 -0.86
CA ARG A 538 11.62 -12.58 -0.32
C ARG A 538 11.87 -12.80 1.16
N TRP A 539 10.89 -13.37 1.86
CA TRP A 539 10.99 -13.63 3.32
C TRP A 539 11.36 -15.06 3.63
N THR A 540 11.89 -15.76 2.63
CA THR A 540 12.38 -17.12 2.78
C THR A 540 13.70 -17.25 2.16
N SER A 541 14.42 -18.27 2.61
CA SER A 541 15.72 -18.67 2.03
C SER A 541 15.62 -20.14 1.69
N ALA A 542 15.37 -20.46 0.43
CA ALA A 542 15.07 -21.85 0.07
C ALA A 542 16.38 -22.65 0.04
N ARG A 543 16.37 -23.88 0.54
CA ARG A 543 17.50 -24.84 0.40
C ARG A 543 16.98 -26.13 -0.20
N SER A 544 17.80 -26.75 -1.05
CA SER A 544 17.59 -28.10 -1.56
C SER A 544 18.24 -29.11 -0.62
N ILE A 545 17.55 -30.25 -0.41
CA ILE A 545 18.06 -31.37 0.36
C ILE A 545 18.05 -32.52 -0.63
N LYS A 546 19.21 -33.11 -0.84
CA LYS A 546 19.29 -34.33 -1.63
C LYS A 546 19.77 -35.51 -0.79
N GLU A 547 18.99 -36.59 -0.79
CA GLU A 547 19.42 -37.87 -0.22
C GLU A 547 19.70 -38.83 -1.35
N THR A 548 20.89 -39.41 -1.40
CA THR A 548 21.22 -40.50 -2.36
C THR A 548 21.18 -41.84 -1.64
N PHE A 549 20.46 -42.78 -2.24
CA PHE A 549 20.18 -44.06 -1.57
C PHE A 549 21.33 -45.06 -1.67
N VAL A 550 22.05 -45.10 -2.80
CA VAL A 550 23.15 -46.07 -2.92
C VAL A 550 24.31 -45.35 -3.59
N ALA A 551 25.02 -44.51 -2.86
CA ALA A 551 26.01 -43.67 -3.51
C ALA A 551 27.20 -44.56 -3.89
N ALA A 552 28.03 -44.01 -4.75
CA ALA A 552 29.26 -44.67 -5.22
C ALA A 552 30.18 -45.05 -4.09
N THR A 553 30.85 -46.18 -4.25
CA THR A 553 31.81 -46.64 -3.29
C THR A 553 33.22 -46.72 -3.91
N ASP A 554 33.40 -46.30 -5.15
CA ASP A 554 34.71 -46.15 -5.78
C ASP A 554 34.70 -44.86 -6.50
N HIS A 555 35.80 -44.09 -6.41
CA HIS A 555 35.85 -42.76 -6.99
C HIS A 555 36.19 -42.71 -8.45
N ILE A 556 36.68 -43.83 -9.01
CA ILE A 556 37.21 -43.84 -10.36
C ILE A 556 36.04 -43.69 -11.35
N TYR A 557 36.26 -42.99 -12.44
CA TYR A 557 35.22 -42.76 -13.49
C TYR A 557 35.47 -43.66 -14.69
N PRO A 558 34.41 -44.04 -15.39
CA PRO A 558 34.53 -44.93 -16.56
C PRO A 558 35.51 -44.50 -17.67
N HIS A 559 35.62 -43.19 -17.91
CA HIS A 559 36.52 -42.73 -18.90
C HIS A 559 37.99 -43.06 -18.57
N MET A 560 38.25 -43.37 -17.28
CA MET A 560 39.63 -43.53 -16.82
C MET A 560 40.17 -44.92 -17.11
N ALA A 561 39.31 -45.84 -17.46
CA ALA A 561 39.70 -47.19 -17.69
C ALA A 561 40.65 -47.30 -18.90
N VAL A 562 41.44 -48.37 -18.85
CA VAL A 562 42.34 -48.80 -19.94
C VAL A 562 41.53 -49.47 -21.04
#